data_2N21
#
_entry.id   2N21
#
loop_
_entity.id
_entity.type
_entity.pdbx_description
1 polymer 'ATP-dependent RNA helicase DHX36'
2 polymer "DNA (5'-D(*TP*TP*GP*GP*GP*TP*GP*GP*GP*TP*GP*GP*GP*TP*GP*GP*GP*T)-3')"
#
loop_
_entity_poly.entity_id
_entity_poly.type
_entity_poly.pdbx_seq_one_letter_code
_entity_poly.pdbx_strand_id
1 'polypeptide(L)' SMHPGHLKGREIGMWYAKKQ A
2 'polydeoxyribonucleotide' (DT)(DT)(DG)(DG)(DG)(DT)(DG)(DG)(DG)(DT)(DG)(DG)(DG)(DT)(DG)(DG)(DG)(DT) B
#
loop_
_chem_comp.id
_chem_comp.type
_chem_comp.name
_chem_comp.formula
DG DNA linking 2'-DEOXYGUANOSINE-5'-MONOPHOSPHATE 'C10 H14 N5 O7 P'
DT DNA linking THYMIDINE-5'-MONOPHOSPHATE 'C10 H15 N2 O8 P'
#
# COMPACT_ATOMS: atom_id res chain seq x y z
N SER A 1 1.15 2.46 -11.27
CA SER A 1 0.57 3.75 -11.75
C SER A 1 -0.69 4.07 -10.94
N MET A 2 -1.04 3.17 -10.02
CA MET A 2 -2.23 3.36 -9.19
C MET A 2 -1.92 2.99 -7.74
N HIS A 3 -1.02 2.03 -7.55
CA HIS A 3 -0.65 1.59 -6.21
C HIS A 3 0.76 2.05 -5.87
N PRO A 4 1.05 2.21 -4.60
CA PRO A 4 2.39 2.66 -4.12
C PRO A 4 3.50 1.69 -4.52
N GLY A 5 3.52 0.53 -3.87
CA GLY A 5 4.53 -0.47 -4.17
C GLY A 5 5.87 -0.11 -3.53
N HIS A 6 6.17 1.18 -3.48
CA HIS A 6 7.41 1.65 -2.90
C HIS A 6 7.31 1.69 -1.37
N LEU A 7 6.11 1.42 -0.87
CA LEU A 7 5.89 1.42 0.58
C LEU A 7 6.36 0.12 1.20
N LYS A 8 6.81 0.19 2.45
CA LYS A 8 7.28 -0.99 3.15
C LYS A 8 6.67 -1.07 4.54
N GLY A 9 5.95 -2.16 4.82
CA GLY A 9 5.31 -2.34 6.11
C GLY A 9 3.84 -1.95 6.06
N ARG A 10 3.18 -1.98 7.22
CA ARG A 10 1.77 -1.61 7.29
C ARG A 10 1.49 -0.38 6.43
N GLU A 11 2.55 0.30 6.02
CA GLU A 11 2.41 1.50 5.19
C GLU A 11 1.56 1.19 3.96
N ILE A 12 1.88 0.10 3.28
CA ILE A 12 1.14 -0.29 2.09
C ILE A 12 -0.12 -1.06 2.47
N GLY A 13 -0.05 -1.80 3.57
CA GLY A 13 -1.19 -2.59 4.02
C GLY A 13 -2.33 -1.69 4.47
N MET A 14 -1.99 -0.49 4.94
CA MET A 14 -3.01 0.45 5.40
C MET A 14 -3.27 1.52 4.35
N TRP A 15 -2.63 1.38 3.19
CA TRP A 15 -2.80 2.33 2.11
C TRP A 15 -3.97 1.94 1.22
N TYR A 16 -4.11 0.64 0.99
CA TYR A 16 -5.20 0.14 0.15
C TYR A 16 -5.25 -1.38 0.19
N ALA A 17 -5.14 -1.95 1.39
CA ALA A 17 -5.19 -3.40 1.55
C ALA A 17 -6.33 -3.99 0.71
N LYS A 18 -7.25 -3.13 0.31
CA LYS A 18 -8.38 -3.57 -0.50
C LYS A 18 -7.91 -4.04 -1.88
N LYS A 19 -6.61 -4.29 -2.01
CA LYS A 19 -6.04 -4.72 -3.27
C LYS A 19 -6.23 -3.66 -4.35
N GLN A 20 -7.15 -3.93 -5.27
CA GLN A 20 -7.43 -2.97 -6.35
C GLN A 20 -8.84 -3.18 -6.90
N SER A 1 1.53 8.26 -7.14
CA SER A 1 0.14 8.76 -6.99
C SER A 1 -0.73 7.67 -6.39
N MET A 2 -0.74 6.51 -7.03
CA MET A 2 -1.53 5.38 -6.55
C MET A 2 -0.72 4.09 -6.60
N HIS A 3 -1.21 3.06 -5.93
CA HIS A 3 -0.52 1.77 -5.91
C HIS A 3 0.96 1.96 -5.60
N PRO A 4 1.27 2.26 -4.36
CA PRO A 4 2.68 2.48 -3.91
C PRO A 4 3.62 1.40 -4.43
N GLY A 5 3.51 0.20 -3.87
CA GLY A 5 4.36 -0.91 -4.28
C GLY A 5 5.79 -0.72 -3.80
N HIS A 6 6.21 0.54 -3.71
CA HIS A 6 7.56 0.84 -3.26
C HIS A 6 7.56 1.17 -1.77
N LEU A 7 6.40 1.06 -1.14
CA LEU A 7 6.28 1.34 0.28
C LEU A 7 6.67 0.11 1.11
N LYS A 8 6.81 0.32 2.42
CA LYS A 8 7.18 -0.78 3.30
C LYS A 8 6.46 -0.65 4.65
N GLY A 9 5.81 -1.73 5.07
CA GLY A 9 5.10 -1.72 6.35
C GLY A 9 3.61 -1.43 6.13
N ARG A 10 2.83 -1.58 7.20
CA ARG A 10 1.39 -1.34 7.12
C ARG A 10 1.09 -0.21 6.13
N GLU A 11 2.06 0.67 5.93
CA GLU A 11 1.89 1.78 5.01
C GLU A 11 1.16 1.34 3.75
N ILE A 12 1.67 0.27 3.14
CA ILE A 12 1.05 -0.25 1.91
C ILE A 12 -0.09 -1.20 2.25
N GLY A 13 -0.02 -1.82 3.41
CA GLY A 13 -1.05 -2.76 3.83
C GLY A 13 -2.32 -2.02 4.24
N MET A 14 -2.23 -0.70 4.35
CA MET A 14 -3.38 0.12 4.74
C MET A 14 -3.87 0.95 3.56
N TRP A 15 -2.95 1.68 2.93
CA TRP A 15 -3.30 2.51 1.79
C TRP A 15 -4.52 1.95 1.06
N TYR A 16 -4.40 0.72 0.59
CA TYR A 16 -5.49 0.08 -0.14
C TYR A 16 -5.40 -1.44 -0.01
N ALA A 17 -4.18 -1.95 0.20
CA ALA A 17 -3.97 -3.38 0.34
C ALA A 17 -4.53 -4.13 -0.87
N LYS A 18 -4.34 -5.44 -0.89
CA LYS A 18 -4.83 -6.26 -1.99
C LYS A 18 -6.36 -6.27 -2.00
N LYS A 19 -6.95 -5.81 -0.90
CA LYS A 19 -8.40 -5.77 -0.79
C LYS A 19 -9.01 -5.21 -2.06
N GLN A 20 -8.37 -4.19 -2.61
CA GLN A 20 -8.85 -3.56 -3.84
C GLN A 20 -10.29 -3.07 -3.67
N SER A 1 5.39 7.73 -7.36
CA SER A 1 6.29 7.50 -6.20
C SER A 1 5.53 7.75 -4.90
N MET A 2 4.32 8.30 -5.02
CA MET A 2 3.51 8.58 -3.85
C MET A 2 2.58 7.41 -3.55
N HIS A 3 2.03 6.82 -4.60
CA HIS A 3 1.12 5.68 -4.45
C HIS A 3 1.89 4.42 -4.09
N PRO A 4 1.20 3.38 -3.71
CA PRO A 4 1.83 2.09 -3.34
C PRO A 4 2.88 1.64 -4.34
N GLY A 5 3.51 0.51 -4.09
CA GLY A 5 4.55 -0.01 -4.97
C GLY A 5 5.94 0.23 -4.40
N HIS A 6 6.18 1.48 -3.97
CA HIS A 6 7.47 1.83 -3.40
C HIS A 6 7.36 1.96 -1.89
N LEU A 7 6.25 1.49 -1.32
CA LEU A 7 6.04 1.56 0.12
C LEU A 7 6.59 0.32 0.80
N LYS A 8 6.58 0.33 2.13
CA LYS A 8 7.08 -0.80 2.91
C LYS A 8 6.50 -0.78 4.32
N GLY A 9 5.98 -1.92 4.75
CA GLY A 9 5.40 -2.03 6.09
C GLY A 9 3.90 -1.74 6.06
N ARG A 10 3.30 -1.66 7.23
CA ARG A 10 1.87 -1.38 7.33
C ARG A 10 1.48 -0.23 6.43
N GLU A 11 2.48 0.44 5.87
CA GLU A 11 2.23 1.58 4.98
C GLU A 11 1.41 1.14 3.77
N ILE A 12 1.80 0.01 3.18
CA ILE A 12 1.09 -0.51 2.01
C ILE A 12 -0.09 -1.36 2.44
N GLY A 13 0.00 -1.94 3.64
CA GLY A 13 -1.07 -2.79 4.15
C GLY A 13 -2.23 -1.95 4.66
N MET A 14 -1.97 -0.67 4.93
CA MET A 14 -3.01 0.22 5.43
C MET A 14 -3.27 1.35 4.44
N TRP A 15 -2.75 1.21 3.24
CA TRP A 15 -2.93 2.23 2.21
C TRP A 15 -4.28 2.03 1.51
N TYR A 16 -4.50 0.83 0.98
CA TYR A 16 -5.74 0.52 0.29
C TYR A 16 -5.75 -0.94 -0.17
N ALA A 17 -5.52 -1.85 0.78
CA ALA A 17 -5.50 -3.27 0.48
C ALA A 17 -6.30 -3.58 -0.79
N LYS A 18 -5.61 -3.68 -1.92
CA LYS A 18 -6.26 -3.96 -3.18
C LYS A 18 -6.85 -5.37 -3.19
N LYS A 19 -6.35 -6.20 -2.27
CA LYS A 19 -6.83 -7.59 -2.18
C LYS A 19 -6.77 -8.27 -3.55
N GLN A 20 -7.93 -8.47 -4.16
CA GLN A 20 -7.99 -9.10 -5.47
C GLN A 20 -8.65 -8.19 -6.50
N SER A 1 8.71 9.01 -1.57
CA SER A 1 7.45 9.72 -1.91
C SER A 1 6.45 9.57 -0.78
N MET A 2 5.33 8.91 -1.08
CA MET A 2 4.29 8.69 -0.07
C MET A 2 3.15 7.85 -0.64
N HIS A 3 3.32 7.42 -1.89
CA HIS A 3 2.29 6.61 -2.55
C HIS A 3 2.76 5.15 -2.66
N PRO A 4 1.84 4.23 -2.58
CA PRO A 4 2.15 2.78 -2.67
C PRO A 4 3.32 2.48 -3.58
N GLY A 5 3.90 1.29 -3.42
CA GLY A 5 5.05 0.89 -4.23
C GLY A 5 6.30 1.67 -3.82
N HIS A 6 6.10 2.75 -3.07
CA HIS A 6 7.22 3.56 -2.63
C HIS A 6 7.46 3.39 -1.13
N LEU A 7 6.52 2.72 -0.46
CA LEU A 7 6.63 2.49 0.98
C LEU A 7 6.38 1.02 1.31
N LYS A 8 6.87 0.59 2.47
CA LYS A 8 6.68 -0.80 2.88
C LYS A 8 6.16 -0.86 4.32
N GLY A 9 5.60 -2.01 4.68
CA GLY A 9 5.06 -2.19 6.03
C GLY A 9 3.58 -1.90 6.06
N ARG A 10 3.05 -1.70 7.26
CA ARG A 10 1.63 -1.40 7.42
C ARG A 10 1.23 -0.22 6.55
N GLU A 11 2.21 0.45 5.98
CA GLU A 11 1.95 1.60 5.12
C GLU A 11 1.13 1.19 3.90
N ILE A 12 1.65 0.24 3.14
CA ILE A 12 0.96 -0.24 1.94
C ILE A 12 -0.19 -1.16 2.31
N GLY A 13 -0.02 -1.90 3.41
CA GLY A 13 -1.05 -2.83 3.87
C GLY A 13 -2.34 -2.09 4.22
N MET A 14 -2.23 -0.77 4.40
CA MET A 14 -3.40 0.04 4.74
C MET A 14 -3.68 1.08 3.66
N TRP A 15 -2.67 1.39 2.86
CA TRP A 15 -2.82 2.37 1.79
C TRP A 15 -3.17 1.71 0.46
N TYR A 16 -2.68 0.49 0.27
CA TYR A 16 -2.95 -0.24 -0.97
C TYR A 16 -3.55 -1.61 -0.69
N ALA A 17 -4.28 -1.72 0.42
CA ALA A 17 -4.89 -2.99 0.77
C ALA A 17 -6.08 -3.28 -0.16
N LYS A 18 -5.78 -3.50 -1.43
CA LYS A 18 -6.82 -3.78 -2.41
C LYS A 18 -7.48 -5.11 -2.13
N LYS A 19 -6.93 -5.85 -1.18
CA LYS A 19 -7.47 -7.15 -0.82
C LYS A 19 -7.58 -8.05 -2.05
N GLN A 20 -8.77 -8.07 -2.66
CA GLN A 20 -8.99 -8.89 -3.84
C GLN A 20 -9.59 -8.05 -4.97
N SER A 1 -4.17 5.31 -4.39
CA SER A 1 -4.27 5.93 -5.74
C SER A 1 -3.13 5.43 -6.61
N MET A 2 -1.91 5.85 -6.28
CA MET A 2 -0.73 5.45 -7.05
C MET A 2 0.52 5.50 -6.17
N HIS A 3 0.34 5.90 -4.92
CA HIS A 3 1.46 5.99 -3.98
C HIS A 3 2.00 4.60 -3.66
N PRO A 4 1.13 3.69 -3.29
CA PRO A 4 1.53 2.29 -2.96
C PRO A 4 2.46 1.68 -4.01
N GLY A 5 3.11 0.59 -3.64
CA GLY A 5 4.03 -0.08 -4.55
C GLY A 5 5.48 0.08 -4.08
N HIS A 6 5.89 1.32 -3.85
CA HIS A 6 7.25 1.59 -3.40
C HIS A 6 7.28 1.80 -1.89
N LEU A 7 6.18 1.45 -1.22
CA LEU A 7 6.09 1.60 0.22
C LEU A 7 6.56 0.33 0.92
N LYS A 8 6.75 0.41 2.23
CA LYS A 8 7.20 -0.74 3.00
C LYS A 8 6.63 -0.69 4.42
N GLY A 9 5.96 -1.76 4.83
CA GLY A 9 5.38 -1.83 6.16
C GLY A 9 3.89 -1.53 6.12
N ARG A 10 3.23 -1.65 7.27
CA ARG A 10 1.80 -1.39 7.36
C ARG A 10 1.42 -0.21 6.47
N GLU A 11 2.41 0.61 6.12
CA GLU A 11 2.17 1.77 5.27
C GLU A 11 1.36 1.38 4.04
N ILE A 12 1.74 0.27 3.41
CA ILE A 12 1.05 -0.20 2.22
C ILE A 12 -0.16 -1.06 2.61
N GLY A 13 -0.04 -1.77 3.72
CA GLY A 13 -1.13 -2.64 4.17
C GLY A 13 -2.25 -1.82 4.79
N MET A 14 -2.01 -0.53 5.00
CA MET A 14 -3.01 0.35 5.59
C MET A 14 -3.39 1.46 4.62
N TRP A 15 -2.43 1.91 3.82
CA TRP A 15 -2.69 2.96 2.85
C TRP A 15 -4.11 2.87 2.31
N TYR A 16 -4.44 1.72 1.73
CA TYR A 16 -5.77 1.50 1.18
C TYR A 16 -5.96 0.04 0.79
N ALA A 17 -5.39 -0.86 1.59
CA ALA A 17 -5.50 -2.28 1.32
C ALA A 17 -6.83 -2.60 0.64
N LYS A 18 -6.83 -2.66 -0.69
CA LYS A 18 -8.04 -2.94 -1.43
C LYS A 18 -8.38 -4.43 -1.35
N LYS A 19 -7.57 -5.18 -0.61
CA LYS A 19 -7.78 -6.61 -0.46
C LYS A 19 -8.33 -7.21 -1.76
N GLN A 20 -7.71 -6.84 -2.88
CA GLN A 20 -8.16 -7.35 -4.17
C GLN A 20 -7.00 -7.32 -5.18
N SER A 1 3.11 12.89 -7.31
CA SER A 1 3.00 11.62 -8.09
C SER A 1 3.63 10.48 -7.29
N MET A 2 3.04 10.19 -6.13
CA MET A 2 3.55 9.12 -5.29
C MET A 2 2.41 8.25 -4.79
N HIS A 3 2.20 7.11 -5.45
CA HIS A 3 1.14 6.19 -5.07
C HIS A 3 1.73 4.89 -4.53
N PRO A 4 1.02 4.22 -3.67
CA PRO A 4 1.47 2.93 -3.07
C PRO A 4 2.18 2.05 -4.07
N GLY A 5 2.67 0.90 -3.61
CA GLY A 5 3.38 -0.03 -4.48
C GLY A 5 4.85 -0.12 -4.09
N HIS A 6 5.49 1.04 -3.93
CA HIS A 6 6.89 1.09 -3.56
C HIS A 6 7.03 1.24 -2.05
N LEU A 7 5.91 1.20 -1.35
CA LEU A 7 5.91 1.34 0.11
C LEU A 7 6.32 0.03 0.76
N LYS A 8 6.86 0.13 1.98
CA LYS A 8 7.29 -1.06 2.71
C LYS A 8 6.77 -1.04 4.13
N GLY A 9 5.99 -2.05 4.49
CA GLY A 9 5.43 -2.13 5.84
C GLY A 9 3.95 -1.77 5.84
N ARG A 10 3.31 -1.92 6.99
CA ARG A 10 1.89 -1.61 7.12
C ARG A 10 1.53 -0.39 6.27
N GLU A 11 2.54 0.40 5.93
CA GLU A 11 2.33 1.60 5.12
C GLU A 11 1.42 1.28 3.93
N ILE A 12 1.75 0.21 3.21
CA ILE A 12 0.97 -0.18 2.04
C ILE A 12 -0.23 -1.03 2.46
N GLY A 13 -0.11 -1.72 3.59
CA GLY A 13 -1.18 -2.58 4.08
C GLY A 13 -2.32 -1.73 4.67
N MET A 14 -2.03 -0.48 5.00
CA MET A 14 -3.04 0.40 5.57
C MET A 14 -3.52 1.42 4.54
N TRP A 15 -2.60 2.25 4.06
CA TRP A 15 -2.95 3.27 3.08
C TRP A 15 -4.14 2.81 2.22
N TYR A 16 -4.06 1.57 1.73
CA TYR A 16 -5.13 1.03 0.91
C TYR A 16 -4.87 -0.44 0.59
N ALA A 17 -5.93 -1.23 0.55
CA ALA A 17 -5.81 -2.65 0.25
C ALA A 17 -6.54 -2.99 -1.04
N LYS A 18 -5.78 -3.17 -2.11
CA LYS A 18 -6.36 -3.49 -3.41
C LYS A 18 -7.00 -4.87 -3.38
N LYS A 19 -6.40 -5.78 -2.62
CA LYS A 19 -6.90 -7.14 -2.51
C LYS A 19 -7.76 -7.51 -3.71
N GLN A 20 -7.15 -7.50 -4.89
CA GLN A 20 -7.86 -7.82 -6.12
C GLN A 20 -8.88 -6.73 -6.46
N SER A 1 -0.41 3.83 -10.93
CA SER A 1 0.56 4.26 -9.89
C SER A 1 -0.17 5.07 -8.83
N MET A 2 0.59 5.63 -7.89
CA MET A 2 0.01 6.44 -6.82
C MET A 2 0.98 6.54 -5.65
N HIS A 3 1.55 5.39 -5.26
CA HIS A 3 2.50 5.37 -4.15
C HIS A 3 2.93 3.94 -3.86
N PRO A 4 1.99 3.05 -3.67
CA PRO A 4 2.28 1.62 -3.37
C PRO A 4 3.35 1.05 -4.29
N GLY A 5 3.81 -0.16 -3.98
CA GLY A 5 4.83 -0.81 -4.78
C GLY A 5 6.21 -0.61 -4.15
N HIS A 6 6.53 0.63 -3.81
CA HIS A 6 7.82 0.94 -3.20
C HIS A 6 7.68 1.03 -1.69
N LEU A 7 6.46 0.86 -1.20
CA LEU A 7 6.21 0.93 0.25
C LEU A 7 6.49 -0.42 0.90
N LYS A 8 6.68 -0.41 2.21
CA LYS A 8 6.96 -1.65 2.95
C LYS A 8 6.40 -1.55 4.36
N GLY A 9 5.57 -2.52 4.73
CA GLY A 9 4.97 -2.55 6.05
C GLY A 9 3.49 -2.21 5.99
N ARG A 10 2.95 -1.73 7.10
CA ARG A 10 1.54 -1.36 7.16
C ARG A 10 1.25 -0.21 6.19
N GLU A 11 2.28 0.54 5.83
CA GLU A 11 2.11 1.66 4.92
C GLU A 11 1.28 1.24 3.72
N ILE A 12 1.63 0.10 3.12
CA ILE A 12 0.90 -0.39 1.95
C ILE A 12 -0.24 -1.31 2.39
N GLY A 13 -0.08 -1.92 3.55
CA GLY A 13 -1.10 -2.81 4.08
C GLY A 13 -2.36 -2.04 4.49
N MET A 14 -2.26 -0.71 4.46
CA MET A 14 -3.38 0.14 4.83
C MET A 14 -3.82 1.00 3.65
N TRP A 15 -2.92 1.19 2.70
CA TRP A 15 -3.22 2.01 1.52
C TRP A 15 -3.72 1.13 0.37
N TYR A 16 -3.08 -0.02 0.19
CA TYR A 16 -3.47 -0.94 -0.88
C TYR A 16 -4.14 -2.18 -0.30
N ALA A 17 -4.70 -2.06 0.89
CA ALA A 17 -5.37 -3.19 1.54
C ALA A 17 -6.78 -3.35 0.98
N LYS A 18 -7.06 -2.65 -0.11
CA LYS A 18 -8.38 -2.74 -0.74
C LYS A 18 -8.59 -4.11 -1.36
N LYS A 19 -7.61 -4.99 -1.18
CA LYS A 19 -7.70 -6.34 -1.73
C LYS A 19 -7.83 -6.30 -3.24
N GLN A 20 -8.96 -6.78 -3.75
CA GLN A 20 -9.20 -6.79 -5.19
C GLN A 20 -9.84 -5.47 -5.64
N SER A 1 4.76 12.60 -1.69
CA SER A 1 5.10 12.94 -3.11
C SER A 1 5.22 11.65 -3.92
N MET A 2 4.79 10.55 -3.33
CA MET A 2 4.85 9.26 -4.01
C MET A 2 3.57 8.47 -3.78
N HIS A 3 3.44 7.34 -4.47
CA HIS A 3 2.26 6.49 -4.33
C HIS A 3 2.66 5.07 -3.97
N PRO A 4 1.71 4.27 -3.54
CA PRO A 4 1.96 2.86 -3.15
C PRO A 4 2.86 2.13 -4.14
N GLY A 5 3.18 0.88 -3.85
CA GLY A 5 4.04 0.10 -4.72
C GLY A 5 5.49 0.14 -4.25
N HIS A 6 5.94 1.33 -3.86
CA HIS A 6 7.31 1.49 -3.40
C HIS A 6 7.36 1.47 -1.87
N LEU A 7 6.18 1.40 -1.24
CA LEU A 7 6.10 1.38 0.21
C LEU A 7 6.29 -0.04 0.74
N LYS A 8 6.50 -0.16 2.04
CA LYS A 8 6.69 -1.47 2.66
C LYS A 8 6.23 -1.44 4.12
N GLY A 9 5.47 -2.46 4.50
CA GLY A 9 4.97 -2.56 5.87
C GLY A 9 3.54 -2.02 5.96
N ARG A 10 3.04 -1.91 7.19
CA ARG A 10 1.69 -1.41 7.40
C ARG A 10 1.44 -0.15 6.58
N GLU A 11 2.51 0.41 6.04
CA GLU A 11 2.40 1.62 5.22
C GLU A 11 1.46 1.38 4.04
N ILE A 12 1.71 0.30 3.30
CA ILE A 12 0.88 -0.03 2.15
C ILE A 12 -0.27 -0.93 2.55
N GLY A 13 -0.08 -1.67 3.65
CA GLY A 13 -1.13 -2.57 4.14
C GLY A 13 -2.35 -1.79 4.58
N MET A 14 -2.19 -0.48 4.77
CA MET A 14 -3.29 0.37 5.20
C MET A 14 -3.60 1.43 4.14
N TRP A 15 -2.56 1.99 3.54
CA TRP A 15 -2.72 3.02 2.52
C TRP A 15 -4.06 2.83 1.80
N TYR A 16 -4.25 1.66 1.20
CA TYR A 16 -5.49 1.38 0.48
C TYR A 16 -5.51 -0.08 0.03
N ALA A 17 -5.22 -0.99 0.96
CA ALA A 17 -5.21 -2.42 0.66
C ALA A 17 -6.12 -2.73 -0.53
N LYS A 18 -5.54 -3.29 -1.58
CA LYS A 18 -6.32 -3.62 -2.77
C LYS A 18 -7.23 -4.81 -2.50
N LYS A 19 -7.08 -5.41 -1.32
CA LYS A 19 -7.90 -6.56 -0.96
C LYS A 19 -7.72 -7.69 -1.97
N GLN A 20 -8.83 -8.19 -2.49
CA GLN A 20 -8.78 -9.27 -3.47
C GLN A 20 -8.75 -8.71 -4.89
N SER A 1 -5.68 0.97 -9.34
CA SER A 1 -5.01 1.15 -10.66
C SER A 1 -3.58 1.60 -10.45
N MET A 2 -3.20 1.77 -9.19
CA MET A 2 -1.84 2.20 -8.86
C MET A 2 -1.54 1.94 -7.38
N HIS A 3 -0.65 0.99 -7.12
CA HIS A 3 -0.29 0.66 -5.75
C HIS A 3 1.11 1.20 -5.42
N PRO A 4 1.34 1.53 -4.18
CA PRO A 4 2.64 2.07 -3.72
C PRO A 4 3.83 1.36 -4.38
N GLY A 5 4.09 0.13 -3.96
CA GLY A 5 5.19 -0.64 -4.52
C GLY A 5 6.51 -0.30 -3.84
N HIS A 6 6.76 0.98 -3.66
CA HIS A 6 8.00 1.42 -3.01
C HIS A 6 7.80 1.60 -1.52
N LEU A 7 6.67 1.11 -1.01
CA LEU A 7 6.38 1.23 0.42
C LEU A 7 6.87 0.00 1.16
N LYS A 8 6.98 0.12 2.49
CA LYS A 8 7.44 -1.00 3.31
C LYS A 8 6.86 -0.91 4.71
N GLY A 9 6.12 -1.94 5.10
CA GLY A 9 5.51 -1.96 6.43
C GLY A 9 3.99 -1.97 6.34
N ARG A 10 3.33 -1.83 7.48
CA ARG A 10 1.87 -1.83 7.52
C ARG A 10 1.32 -0.72 6.63
N GLU A 11 2.20 0.18 6.20
CA GLU A 11 1.79 1.30 5.35
C GLU A 11 0.99 0.78 4.15
N ILE A 12 1.63 -0.07 3.35
CA ILE A 12 0.98 -0.62 2.16
C ILE A 12 -0.21 -1.48 2.56
N GLY A 13 -0.12 -2.08 3.74
CA GLY A 13 -1.20 -2.94 4.23
C GLY A 13 -2.35 -2.10 4.78
N MET A 14 -2.05 -0.88 5.19
CA MET A 14 -3.06 0.01 5.74
C MET A 14 -3.35 1.16 4.79
N TRP A 15 -2.45 1.35 3.82
CA TRP A 15 -2.61 2.43 2.85
C TRP A 15 -4.04 2.46 2.31
N TYR A 16 -4.52 1.29 1.88
CA TYR A 16 -5.87 1.20 1.33
C TYR A 16 -6.21 -0.25 1.00
N ALA A 17 -5.34 -1.17 1.43
CA ALA A 17 -5.55 -2.59 1.18
C ALA A 17 -6.47 -2.81 -0.03
N LYS A 18 -5.86 -3.14 -1.16
CA LYS A 18 -6.62 -3.38 -2.38
C LYS A 18 -7.34 -4.73 -2.31
N LYS A 19 -6.79 -5.64 -1.51
CA LYS A 19 -7.39 -6.96 -1.37
C LYS A 19 -7.52 -7.64 -2.72
N GLN A 20 -8.61 -7.34 -3.42
CA GLN A 20 -8.85 -7.93 -4.74
C GLN A 20 -8.74 -6.87 -5.82
N SER A 1 -5.16 7.33 -3.82
CA SER A 1 -4.32 6.10 -3.66
C SER A 1 -3.87 5.63 -5.04
N MET A 2 -2.56 5.60 -5.26
CA MET A 2 -2.02 5.16 -6.53
C MET A 2 -1.18 3.90 -6.36
N HIS A 3 -1.72 2.94 -5.61
CA HIS A 3 -1.00 1.68 -5.37
C HIS A 3 0.48 1.95 -5.18
N PRO A 4 0.89 2.19 -3.96
CA PRO A 4 2.32 2.46 -3.63
C PRO A 4 3.26 1.42 -4.24
N GLY A 5 3.20 0.19 -3.73
CA GLY A 5 4.05 -0.88 -4.23
C GLY A 5 5.49 -0.70 -3.75
N HIS A 6 5.92 0.55 -3.63
CA HIS A 6 7.28 0.83 -3.18
C HIS A 6 7.32 0.99 -1.66
N LEU A 7 6.15 0.94 -1.03
CA LEU A 7 6.07 1.07 0.42
C LEU A 7 6.38 -0.27 1.09
N LYS A 8 6.93 -0.20 2.29
CA LYS A 8 7.27 -1.41 3.04
C LYS A 8 6.75 -1.32 4.47
N GLY A 9 6.04 -2.35 4.90
CA GLY A 9 5.49 -2.38 6.25
C GLY A 9 4.00 -2.05 6.25
N ARG A 10 3.38 -2.09 7.42
CA ARG A 10 1.96 -1.79 7.54
C ARG A 10 1.58 -0.64 6.62
N GLU A 11 2.59 0.11 6.17
CA GLU A 11 2.34 1.24 5.28
C GLU A 11 1.45 0.83 4.11
N ILE A 12 1.97 -0.03 3.25
CA ILE A 12 1.21 -0.50 2.09
C ILE A 12 0.05 -1.38 2.53
N GLY A 13 0.20 -2.01 3.69
CA GLY A 13 -0.85 -2.89 4.21
C GLY A 13 -2.01 -2.08 4.78
N MET A 14 -1.74 -0.82 5.11
CA MET A 14 -2.77 0.04 5.65
C MET A 14 -3.02 1.24 4.74
N TRP A 15 -2.05 1.54 3.89
CA TRP A 15 -2.17 2.67 2.97
C TRP A 15 -3.55 2.69 2.34
N TYR A 16 -4.05 1.52 1.95
CA TYR A 16 -5.37 1.42 1.34
C TYR A 16 -5.71 -0.05 1.04
N ALA A 17 -5.47 -0.92 2.01
CA ALA A 17 -5.76 -2.35 1.83
C ALA A 17 -6.88 -2.54 0.82
N LYS A 18 -6.51 -2.58 -0.46
CA LYS A 18 -7.50 -2.76 -1.51
C LYS A 18 -7.26 -4.07 -2.25
N LYS A 19 -6.01 -4.53 -2.25
CA LYS A 19 -5.66 -5.76 -2.92
C LYS A 19 -6.34 -5.85 -4.29
N GLN A 20 -7.50 -6.50 -4.33
CA GLN A 20 -8.24 -6.63 -5.57
C GLN A 20 -8.38 -5.28 -6.26
#